data_3G6P
#
_entry.id   3G6P
#
_cell.length_a   39.060
_cell.length_b   100.110
_cell.length_c   112.410
_cell.angle_alpha   90.00
_cell.angle_beta   90.00
_cell.angle_gamma   90.00
#
_symmetry.space_group_name_H-M   'P 21 21 21'
#
loop_
_entity.id
_entity.type
_entity.pdbx_description
1 polymer "DNA (5'-D(*CP*CP*AP*GP*AP*AP*CP*AP*CP*CP*CP*TP*GP*TP*TP*CP*TP*G)-3')"
2 polymer "DNA (5'-D(*CP*CP*AP*GP*AP*AP*CP*AP*GP*GP*GP*TP*GP*TP*TP*CP*TP*G)-3')"
3 polymer 'Glucocorticoid receptor'
4 non-polymer 'ACETATE ION'
5 non-polymer 'ZINC ION'
6 water water
#
loop_
_entity_poly.entity_id
_entity_poly.type
_entity_poly.pdbx_seq_one_letter_code
_entity_poly.pdbx_strand_id
1 'polydeoxyribonucleotide' (DC)(DC)(DA)(DG)(DA)(DA)(DC)(DA)(DC)(DC)(DC)(DT)(DG)(DT)(DT)(DC)(DT)(DG) C
2 'polydeoxyribonucleotide' (DC)(DC)(DA)(DG)(DA)(DA)(DC)(DA)(DG)(DG)(DG)(DT)(DG)(DT)(DT)(DC)(DT)(DG) D
3 'polypeptide(L)'
;GSHMCLVCSDEASGCHYGVLTCGSCKVFFKRAVEGQHNYLCAGRNDCIIDKIRRKNCPACRYRKCLQAGMNLEARKTKKK
IKGIQQATAG
;
A,B
#
loop_
_chem_comp.id
_chem_comp.type
_chem_comp.name
_chem_comp.formula
ACT non-polymer 'ACETATE ION' 'C2 H3 O2 -1'
DA DNA linking 2'-DEOXYADENOSINE-5'-MONOPHOSPHATE 'C10 H14 N5 O6 P'
DC DNA linking 2'-DEOXYCYTIDINE-5'-MONOPHOSPHATE 'C9 H14 N3 O7 P'
DG DNA linking 2'-DEOXYGUANOSINE-5'-MONOPHOSPHATE 'C10 H14 N5 O7 P'
DT DNA linking THYMIDINE-5'-MONOPHOSPHATE 'C10 H15 N2 O8 P'
ZN non-polymer 'ZINC ION' 'Zn 2'
#
# COMPACT_ATOMS: atom_id res chain seq x y z
N SER C 2 -6.80 -8.67 26.12
CA SER C 2 -7.71 -7.82 26.86
C SER C 2 -7.44 -6.36 26.57
N HIS C 3 -6.30 -6.08 25.93
CA HIS C 3 -5.88 -4.70 25.69
C HIS C 3 -5.68 -4.36 24.21
N MET C 4 -5.26 -3.13 23.96
CA MET C 4 -5.20 -2.59 22.61
C MET C 4 -3.84 -2.01 22.25
N CYS C 5 -3.22 -2.53 21.19
CA CYS C 5 -1.98 -1.95 20.66
C CYS C 5 -2.12 -0.45 20.46
N LEU C 6 -1.18 0.33 20.97
CA LEU C 6 -1.23 1.80 20.88
C LEU C 6 -0.77 2.31 19.52
N VAL C 7 -0.30 1.39 18.68
CA VAL C 7 0.15 1.78 17.34
C VAL C 7 -0.93 1.46 16.31
N CYS C 8 -1.35 0.20 16.25
CA CYS C 8 -2.29 -0.21 15.23
C CYS C 8 -3.69 -0.59 15.76
N SER C 9 -3.86 -0.57 17.08
CA SER C 9 -5.14 -0.93 17.71
C SER C 9 -5.59 -2.41 17.56
N ASP C 10 -4.72 -3.26 17.04
CA ASP C 10 -4.92 -4.72 17.13
C ASP C 10 -4.91 -5.11 18.63
N GLU C 11 -5.20 -6.36 18.95
CA GLU C 11 -5.11 -6.74 20.35
C GLU C 11 -3.63 -6.82 20.72
N ALA C 12 -3.24 -6.04 21.73
CA ALA C 12 -1.85 -6.02 22.19
C ALA C 12 -1.48 -7.32 22.88
N SER C 13 -0.17 -7.55 23.03
CA SER C 13 0.35 -8.79 23.58
C SER C 13 1.26 -8.56 24.77
N GLY C 14 1.67 -7.32 25.01
CA GLY C 14 2.57 -7.01 26.11
C GLY C 14 3.38 -5.77 25.84
N CYS C 15 4.24 -5.40 26.78
CA CYS C 15 5.06 -4.20 26.63
C CYS C 15 6.27 -4.55 25.77
N HIS C 16 6.34 -3.93 24.59
CA HIS C 16 7.47 -4.15 23.70
C HIS C 16 8.14 -2.83 23.35
N TYR C 17 9.46 -2.80 23.51
CA TYR C 17 10.27 -1.63 23.24
C TYR C 17 9.74 -0.41 23.99
N GLY C 18 9.11 -0.67 25.14
CA GLY C 18 8.67 0.37 26.06
C GLY C 18 7.20 0.70 26.01
N VAL C 19 6.46 0.04 25.12
CA VAL C 19 5.07 0.45 24.85
C VAL C 19 4.16 -0.76 24.72
N LEU C 20 2.91 -0.59 25.08
CA LEU C 20 1.92 -1.62 24.91
C LEU C 20 1.67 -1.79 23.40
N THR C 21 2.12 -2.92 22.83
CA THR C 21 1.88 -3.15 21.40
C THR C 21 1.52 -4.59 21.10
N CYS C 22 1.03 -4.81 19.88
CA CYS C 22 0.80 -6.14 19.35
C CYS C 22 2.14 -6.72 18.93
N GLY C 23 2.15 -8.02 18.63
CA GLY C 23 3.36 -8.66 18.13
C GLY C 23 3.80 -8.14 16.77
N SER C 24 2.87 -7.88 15.87
CA SER C 24 3.26 -7.45 14.51
C SER C 24 3.99 -6.11 14.61
N CYS C 25 3.48 -5.21 15.45
CA CYS C 25 4.12 -3.91 15.62
C CYS C 25 5.48 -3.99 16.30
N LYS C 26 5.59 -4.91 17.27
CA LYS C 26 6.88 -5.15 17.90
C LYS C 26 7.93 -5.47 16.83
N VAL C 27 7.65 -6.44 15.96
CA VAL C 27 8.68 -6.86 15.02
C VAL C 27 8.86 -5.85 13.90
N PHE C 28 7.77 -5.21 13.48
CA PHE C 28 7.86 -4.14 12.49
C PHE C 28 8.85 -3.08 12.97
N PHE C 29 8.65 -2.58 14.19
CA PHE C 29 9.51 -1.53 14.73
C PHE C 29 10.99 -1.90 14.72
N LYS C 30 11.29 -3.10 15.18
CA LYS C 30 12.68 -3.54 15.29
C LYS C 30 13.31 -3.65 13.89
N ARG C 31 12.52 -4.13 12.93
CA ARG C 31 13.01 -4.21 11.55
C ARG C 31 13.22 -2.83 10.96
N ALA C 32 12.37 -1.88 11.35
CA ALA C 32 12.43 -0.53 10.80
C ALA C 32 13.69 0.16 11.29
N VAL C 33 14.01 0.03 12.57
CA VAL C 33 15.17 0.73 13.12
C VAL C 33 16.45 0.12 12.60
N GLU C 34 16.51 -1.21 12.55
CA GLU C 34 17.71 -1.90 12.09
C GLU C 34 17.90 -1.77 10.59
N GLY C 35 17.01 -2.37 9.80
CA GLY C 35 17.14 -2.39 8.36
C GLY C 35 17.16 -0.99 7.79
N GLN C 36 16.70 -0.05 8.61
CA GLN C 36 16.68 1.36 8.26
C GLN C 36 16.37 1.62 6.78
N HIS C 37 15.36 0.95 6.23
CA HIS C 37 14.95 1.26 4.87
C HIS C 37 14.39 2.67 5.00
N ASN C 38 14.48 3.46 3.93
CA ASN C 38 13.83 4.76 3.95
C ASN C 38 12.47 4.67 3.27
N TYR C 39 11.45 4.70 4.13
CA TYR C 39 10.07 4.48 3.73
C TYR C 39 9.50 5.79 3.24
N LEU C 40 8.51 5.71 2.36
CA LEU C 40 7.92 6.94 1.85
C LEU C 40 6.41 6.83 1.80
N CYS C 41 5.76 7.80 2.46
CA CYS C 41 4.29 7.92 2.45
C CYS C 41 3.77 8.26 1.05
N ALA C 42 2.63 7.69 0.68
CA ALA C 42 1.98 8.01 -0.58
C ALA C 42 0.88 9.06 -0.38
N GLY C 43 0.69 9.51 0.85
CA GLY C 43 -0.34 10.51 1.14
C GLY C 43 0.24 11.83 1.59
N ARG C 44 0.10 12.08 2.90
CA ARG C 44 0.38 13.38 3.49
C ARG C 44 1.10 13.22 4.85
N ASN C 45 1.69 12.04 5.07
CA ASN C 45 2.35 11.71 6.33
C ASN C 45 1.39 11.66 7.51
N ASP C 46 0.12 11.38 7.25
CA ASP C 46 -0.85 11.22 8.35
C ASP C 46 -1.81 10.06 8.08
N CYS C 47 -1.28 8.94 7.58
CA CYS C 47 -2.14 7.79 7.26
C CYS C 47 -2.79 7.21 8.50
N ILE C 48 -4.00 6.67 8.35
CA ILE C 48 -4.61 5.86 9.41
C ILE C 48 -3.86 4.54 9.56
N ILE C 49 -3.34 4.32 10.75
CA ILE C 49 -2.70 3.04 11.07
C ILE C 49 -3.61 2.19 11.96
N ASP C 50 -4.32 1.26 11.35
CA ASP C 50 -5.15 0.34 12.10
C ASP C 50 -4.83 -1.09 11.64
N LYS C 51 -5.59 -2.09 12.09
CA LYS C 51 -5.18 -3.47 11.86
C LYS C 51 -5.02 -3.80 10.38
N ILE C 52 -5.96 -3.36 9.57
CA ILE C 52 -5.98 -3.75 8.18
C ILE C 52 -5.08 -2.82 7.35
N ARG C 53 -4.97 -1.55 7.75
CA ARG C 53 -4.19 -0.57 7.00
C ARG C 53 -2.73 -0.35 7.43
N ARG C 54 -2.30 -0.92 8.57
CA ARG C 54 -0.96 -0.66 9.11
C ARG C 54 0.11 -1.08 8.11
N LYS C 55 -0.25 -2.03 7.29
CA LYS C 55 0.61 -2.54 6.24
C LYS C 55 0.74 -1.59 5.03
N ASN C 56 -0.25 -0.73 4.81
CA ASN C 56 -0.22 0.22 3.68
C ASN C 56 0.92 1.20 3.79
N CYS C 57 1.18 1.74 4.97
CA CYS C 57 2.15 2.83 5.05
C CYS C 57 3.19 2.65 6.15
N PRO C 58 4.30 1.96 5.83
CA PRO C 58 5.33 1.75 6.85
C PRO C 58 5.91 3.06 7.33
N ALA C 59 5.97 4.07 6.48
CA ALA C 59 6.48 5.37 6.91
C ALA C 59 5.66 5.89 8.08
N CYS C 60 4.33 5.86 7.93
CA CYS C 60 3.45 6.44 8.95
C CYS C 60 3.35 5.49 10.16
N ARG C 61 3.43 4.19 9.92
CA ARG C 61 3.37 3.25 11.01
C ARG C 61 4.60 3.43 11.89
N TYR C 62 5.73 3.65 11.25
CA TYR C 62 6.98 3.76 11.95
C TYR C 62 7.00 5.08 12.70
N ARG C 63 6.37 6.10 12.12
CA ARG C 63 6.22 7.40 12.77
C ARG C 63 5.33 7.25 14.00
N LYS C 64 4.25 6.50 13.89
CA LYS C 64 3.34 6.33 15.00
C LYS C 64 4.05 5.55 16.11
N CYS C 65 4.93 4.62 15.73
CA CYS C 65 5.68 3.82 16.71
C CYS C 65 6.54 4.76 17.53
N LEU C 66 7.29 5.60 16.84
CA LEU C 66 8.20 6.52 17.51
C LEU C 66 7.43 7.47 18.40
N GLN C 67 6.28 7.92 17.93
CA GLN C 67 5.42 8.83 18.68
C GLN C 67 4.76 8.18 19.89
N ALA C 68 4.59 6.87 19.85
CA ALA C 68 3.96 6.21 20.99
C ALA C 68 5.01 5.95 22.06
N GLY C 69 6.28 6.20 21.73
CA GLY C 69 7.37 6.07 22.67
C GLY C 69 8.23 4.85 22.43
N MET C 70 8.05 4.14 21.32
CA MET C 70 8.81 2.92 21.11
C MET C 70 10.28 3.26 20.99
N ASN C 71 11.11 2.37 21.54
CA ASN C 71 12.51 2.67 21.74
C ASN C 71 13.24 1.37 21.98
N LEU C 72 14.41 1.25 21.36
CA LEU C 72 15.09 -0.03 21.27
C LEU C 72 15.83 -0.37 22.57
N GLU C 73 16.37 0.64 23.21
CA GLU C 73 17.21 0.44 24.39
C GLU C 73 16.43 0.72 25.65
N ALA C 74 15.17 0.34 25.65
CA ALA C 74 14.30 0.54 26.81
C ALA C 74 13.95 -0.79 27.46
N ARG C 75 14.76 -1.21 28.42
CA ARG C 75 14.49 -2.44 29.15
C ARG C 75 15.36 -2.52 30.40
N SER D 2 8.12 3.18 -26.02
CA SER D 2 8.98 3.79 -25.02
C SER D 2 8.19 4.72 -24.10
N HIS D 3 6.95 4.33 -23.80
CA HIS D 3 6.04 5.18 -23.02
C HIS D 3 5.94 4.79 -21.54
N MET D 4 5.16 5.54 -20.78
CA MET D 4 5.05 5.27 -19.36
C MET D 4 3.71 4.64 -19.04
N CYS D 5 3.73 3.70 -18.09
CA CYS D 5 2.49 3.13 -17.57
C CYS D 5 1.56 4.26 -17.17
N LEU D 6 0.34 4.24 -17.69
CA LEU D 6 -0.62 5.28 -17.38
C LEU D 6 -1.03 5.24 -15.92
N VAL D 7 -0.93 4.09 -15.27
CA VAL D 7 -1.36 3.92 -13.89
C VAL D 7 -0.29 4.33 -12.85
N CYS D 8 0.96 3.91 -13.08
CA CYS D 8 2.01 4.10 -12.09
C CYS D 8 3.24 4.80 -12.65
N SER D 9 3.22 5.12 -13.93
CA SER D 9 4.30 5.85 -14.60
C SER D 9 5.64 5.09 -14.71
N ASP D 10 5.66 3.81 -14.36
CA ASP D 10 6.83 2.96 -14.60
C ASP D 10 7.01 2.77 -16.12
N GLU D 11 8.05 2.05 -16.52
CA GLU D 11 8.25 1.77 -17.94
C GLU D 11 7.12 0.88 -18.44
N ALA D 12 6.31 1.42 -19.36
CA ALA D 12 5.20 0.65 -19.93
C ALA D 12 5.72 -0.46 -20.84
N SER D 13 4.97 -1.55 -20.92
CA SER D 13 5.40 -2.73 -21.64
C SER D 13 4.47 -3.03 -22.81
N GLY D 14 3.28 -2.42 -22.81
CA GLY D 14 2.36 -2.56 -23.92
C GLY D 14 0.97 -2.06 -23.60
N CYS D 15 0.02 -2.41 -24.46
CA CYS D 15 -1.37 -2.04 -24.27
C CYS D 15 -1.99 -3.25 -23.57
N HIS D 16 -2.37 -3.10 -22.30
CA HIS D 16 -2.92 -4.23 -21.53
C HIS D 16 -4.28 -3.88 -20.95
N TYR D 17 -5.23 -4.78 -21.16
CA TYR D 17 -6.59 -4.52 -20.71
C TYR D 17 -7.02 -3.13 -21.20
N GLY D 18 -6.50 -2.73 -22.36
CA GLY D 18 -7.04 -1.58 -23.10
C GLY D 18 -6.30 -0.29 -22.83
N VAL D 19 -5.18 -0.40 -22.13
CA VAL D 19 -4.50 0.78 -21.66
C VAL D 19 -3.01 0.57 -21.71
N LEU D 20 -2.28 1.65 -21.95
CA LEU D 20 -0.82 1.61 -21.87
C LEU D 20 -0.34 1.39 -20.42
N THR D 21 0.22 0.22 -20.12
CA THR D 21 0.72 -0.03 -18.75
C THR D 21 1.99 -0.84 -18.67
N CYS D 22 2.62 -0.80 -17.50
CA CYS D 22 3.73 -1.68 -17.18
C CYS D 22 3.15 -3.06 -16.89
N GLY D 23 4.02 -4.04 -16.70
CA GLY D 23 3.56 -5.39 -16.42
C GLY D 23 2.98 -5.54 -15.02
N SER D 24 3.57 -4.86 -14.06
CA SER D 24 3.14 -5.00 -12.68
C SER D 24 1.68 -4.55 -12.56
N CYS D 25 1.34 -3.45 -13.21
CA CYS D 25 -0.03 -2.97 -13.21
C CYS D 25 -0.96 -3.89 -13.94
N LYS D 26 -0.49 -4.48 -15.05
CA LYS D 26 -1.28 -5.46 -15.78
C LYS D 26 -1.68 -6.62 -14.89
N VAL D 27 -0.72 -7.28 -14.26
CA VAL D 27 -1.08 -8.43 -13.40
C VAL D 27 -1.82 -7.97 -12.15
N PHE D 28 -1.49 -6.78 -11.66
CA PHE D 28 -2.19 -6.28 -10.45
C PHE D 28 -3.67 -6.13 -10.75
N PHE D 29 -3.98 -5.51 -11.90
CA PHE D 29 -5.38 -5.29 -12.27
C PHE D 29 -6.10 -6.63 -12.45
N LYS D 30 -5.46 -7.55 -13.16
CA LYS D 30 -6.11 -8.85 -13.40
C LYS D 30 -6.43 -9.56 -12.07
N ARG D 31 -5.46 -9.56 -11.16
CA ARG D 31 -5.68 -10.15 -9.85
C ARG D 31 -6.79 -9.42 -9.08
N ALA D 32 -6.82 -8.11 -9.20
CA ALA D 32 -7.81 -7.33 -8.44
C ALA D 32 -9.23 -7.61 -8.94
N VAL D 33 -9.39 -7.76 -10.26
CA VAL D 33 -10.73 -7.93 -10.83
C VAL D 33 -11.25 -9.36 -10.69
N GLU D 34 -10.34 -10.33 -10.56
CA GLU D 34 -10.70 -11.75 -10.47
C GLU D 34 -10.99 -12.18 -9.05
N GLY D 35 -10.46 -11.44 -8.10
CA GLY D 35 -10.80 -11.69 -6.71
C GLY D 35 -11.74 -10.61 -6.23
N GLN D 36 -11.62 -10.35 -4.94
CA GLN D 36 -12.28 -9.23 -4.29
C GLN D 36 -11.27 -8.10 -4.32
N HIS D 37 -11.76 -6.89 -4.37
CA HIS D 37 -10.89 -5.74 -4.29
C HIS D 37 -11.42 -4.87 -3.16
N ASN D 38 -11.71 -5.49 -2.02
CA ASN D 38 -12.16 -4.76 -0.85
C ASN D 38 -10.95 -4.23 -0.10
N TYR D 39 -10.23 -3.34 -0.78
CA TYR D 39 -8.98 -2.79 -0.28
C TYR D 39 -9.37 -1.57 0.49
N LEU D 40 -8.49 -1.07 1.34
CA LEU D 40 -8.84 0.11 2.13
C LEU D 40 -7.74 1.12 2.07
N CYS D 41 -8.09 2.36 1.73
CA CYS D 41 -7.10 3.44 1.66
C CYS D 41 -6.88 3.96 3.10
N ALA D 42 -5.64 4.23 3.50
CA ALA D 42 -5.31 4.80 4.80
C ALA D 42 -5.20 6.33 4.73
N GLY D 43 -5.25 6.86 3.51
CA GLY D 43 -5.11 8.29 3.30
C GLY D 43 -6.48 8.85 2.95
N ARG D 44 -6.60 9.59 1.85
CA ARG D 44 -7.88 10.22 1.48
C ARG D 44 -8.28 9.85 0.06
N ASN D 45 -8.11 8.59 -0.28
CA ASN D 45 -8.42 8.07 -1.62
C ASN D 45 -7.78 8.84 -2.76
N ASP D 46 -6.62 9.44 -2.50
CA ASP D 46 -5.85 10.08 -3.58
C ASP D 46 -4.36 9.86 -3.41
N CYS D 47 -3.98 8.68 -2.95
CA CYS D 47 -2.57 8.39 -2.73
C CYS D 47 -1.83 8.54 -4.05
N ILE D 48 -0.57 8.98 -3.98
CA ILE D 48 0.26 9.05 -5.18
C ILE D 48 0.68 7.64 -5.58
N ILE D 49 0.34 7.23 -6.81
CA ILE D 49 0.71 5.90 -7.27
C ILE D 49 1.83 6.03 -8.29
N ASP D 50 3.04 5.69 -7.87
CA ASP D 50 4.19 5.79 -8.75
C ASP D 50 4.99 4.56 -8.49
N LYS D 51 6.19 4.50 -9.04
CA LYS D 51 6.90 3.23 -9.09
C LYS D 51 7.21 2.69 -7.68
N ILE D 52 7.63 3.55 -6.76
CA ILE D 52 7.97 3.05 -5.43
C ILE D 52 6.76 2.98 -4.48
N ARG D 53 5.77 3.84 -4.71
CA ARG D 53 4.59 3.93 -3.84
C ARG D 53 3.34 3.14 -4.28
N ARG D 54 3.32 2.59 -5.50
CA ARG D 54 2.18 1.83 -6.01
C ARG D 54 1.81 0.63 -5.11
N LYS D 55 2.80 0.02 -4.47
CA LYS D 55 2.53 -1.02 -3.50
C LYS D 55 1.83 -0.51 -2.23
N ASN D 56 1.94 0.79 -1.90
CA ASN D 56 1.40 1.25 -0.60
C ASN D 56 -0.11 1.10 -0.57
N CYS D 57 -0.77 1.48 -1.65
CA CYS D 57 -2.24 1.59 -1.59
C CYS D 57 -2.94 0.90 -2.74
N PRO D 58 -3.21 -0.40 -2.60
CA PRO D 58 -3.91 -1.14 -3.66
C PRO D 58 -5.27 -0.52 -3.98
N ALA D 59 -5.90 0.08 -2.97
CA ALA D 59 -7.20 0.71 -3.14
C ALA D 59 -7.07 1.80 -4.21
N CYS D 60 -6.09 2.68 -4.04
CA CYS D 60 -5.96 3.81 -4.94
C CYS D 60 -5.37 3.32 -6.28
N ARG D 61 -4.54 2.30 -6.25
CA ARG D 61 -3.94 1.76 -7.46
C ARG D 61 -5.05 1.20 -8.35
N TYR D 62 -5.95 0.44 -7.74
CA TYR D 62 -7.05 -0.18 -8.46
C TYR D 62 -7.96 0.93 -8.99
N ARG D 63 -8.21 1.93 -8.18
CA ARG D 63 -9.03 3.04 -8.62
C ARG D 63 -8.40 3.70 -9.85
N LYS D 64 -7.10 3.96 -9.84
CA LYS D 64 -6.47 4.54 -11.02
C LYS D 64 -6.57 3.62 -12.25
N CYS D 65 -6.50 2.31 -12.03
CA CYS D 65 -6.64 1.34 -13.13
C CYS D 65 -8.01 1.54 -13.74
N LEU D 66 -9.03 1.61 -12.89
CA LEU D 66 -10.40 1.77 -13.41
C LEU D 66 -10.53 3.09 -14.15
N GLN D 67 -9.90 4.12 -13.62
CA GLN D 67 -10.11 5.45 -14.10
C GLN D 67 -9.37 5.64 -15.43
N ALA D 68 -8.31 4.87 -15.66
CA ALA D 68 -7.60 4.95 -16.94
C ALA D 68 -8.34 4.12 -17.98
N GLY D 69 -9.35 3.35 -17.56
CA GLY D 69 -10.16 2.60 -18.49
C GLY D 69 -9.83 1.12 -18.60
N MET D 70 -9.02 0.56 -17.69
CA MET D 70 -8.63 -0.85 -17.86
C MET D 70 -9.85 -1.73 -17.78
N ASN D 71 -9.89 -2.76 -18.61
CA ASN D 71 -11.02 -3.68 -18.55
C ASN D 71 -10.61 -4.95 -19.24
N LEU D 72 -11.14 -6.08 -18.76
CA LEU D 72 -10.65 -7.37 -19.19
C LEU D 72 -10.95 -7.59 -20.68
N GLU D 73 -12.12 -7.15 -21.13
CA GLU D 73 -12.54 -7.42 -22.50
C GLU D 73 -11.98 -6.42 -23.51
N ALA D 74 -10.97 -5.66 -23.12
CA ALA D 74 -10.37 -4.64 -24.00
C ALA D 74 -9.92 -5.23 -25.34
N ARG D 75 -9.08 -6.27 -25.33
CA ARG D 75 -8.52 -6.79 -26.58
C ARG D 75 -9.59 -7.37 -27.49
N LYS D 76 -10.56 -8.05 -26.88
CA LYS D 76 -11.65 -8.66 -27.63
C LYS D 76 -12.63 -7.60 -28.18
N THR D 77 -12.66 -6.44 -27.52
CA THR D 77 -13.47 -5.31 -27.96
C THR D 77 -12.83 -4.58 -29.16
N LYS D 78 -11.51 -4.45 -29.13
CA LYS D 78 -10.79 -3.86 -30.26
C LYS D 78 -10.85 -4.78 -31.48
N LYS D 79 -11.03 -6.08 -31.24
CA LYS D 79 -11.16 -7.06 -32.30
C LYS D 79 -12.58 -7.09 -32.87
N LYS D 80 -13.38 -6.09 -32.50
CA LYS D 80 -14.66 -5.85 -33.13
C LYS D 80 -14.68 -4.41 -33.62
N ILE D 81 -13.87 -4.14 -34.64
CA ILE D 81 -13.71 -2.79 -35.16
C ILE D 81 -12.83 -2.84 -36.42
N LYS D 82 -13.19 -2.08 -37.45
CA LYS D 82 -14.37 -1.22 -37.45
C LYS D 82 -14.90 -1.04 -38.87
C ACT E . 1.50 -15.85 9.06
O ACT E . 2.08 -14.75 8.87
OXT ACT E . 1.90 -16.80 8.34
ZN ZN F . 0.06 -3.00 16.49
ZN ZN G . 1.47 7.45 5.21
C ACT H . -0.73 -3.31 1.20
O ACT H . -0.87 -4.37 0.53
OXT ACT H . -1.73 -2.92 1.86
C ACT I . -0.02 8.61 12.10
O ACT I . 1.15 9.02 12.31
OXT ACT I . -0.55 8.87 10.98
ZN ZN J . 2.27 0.64 -13.85
ZN ZN K . -4.94 5.42 -1.03
#